data_4B4W
#
_entry.id   4B4W
#
_cell.length_a   55.541
_cell.length_b   80.882
_cell.length_c   68.482
_cell.angle_alpha   90.00
_cell.angle_beta   106.60
_cell.angle_gamma   90.00
#
_symmetry.space_group_name_H-M   'P 1 21 1'
#
loop_
_entity.id
_entity.type
_entity.pdbx_description
1 polymer 'BIFUNCTIONAL PROTEIN FOLD'
2 non-polymer 'NADP NICOTINAMIDE-ADENINE-DINUCLEOTIDE PHOSPHATE'
3 non-polymer GLYCEROL
4 non-polymer 'CHLORIDE ION'
5 non-polymer '(2S)-2-[[4-[[2,4-bis(azanyl)-6-oxidanylidene-1H-pyrimidin-5-yl]carbamoylamino]phenyl]carbonylamino]pentanedioic acid'
6 water water
#
_entity_poly.entity_id   1
_entity_poly.type   'polypeptide(L)'
_entity_poly.pdbx_seq_one_letter_code
;MGSSHHHHHHSSGENLYFQGHMALVLDGRALAKQIEENLLVRVEALKAKTGRTPILATILVGDDGASATYVRMKGNACRR
VGMDSLKIELPQETTTEQLLAEIEKLNANPDVHGILLQHPVPAQIDERACFDAISLAKDVDGVTCLGFGRMAMGEAAYGS
ATPAGIMTILKENNIEIAGKHAVVVGRSAILGKPMAMMLLQANATVTICHSRTQNLPELVKQADIIVGAVGKAELIQKDW
IKQGAVVVDAGFHPRDGGGVGDIQLQGIEEIASAYTPVPGGVGPMTITTLIRQTVEAAEKALG
;
_entity_poly.pdbx_strand_id   A,B
#
loop_
_chem_comp.id
_chem_comp.type
_chem_comp.name
_chem_comp.formula
9L9 non-polymer '(2S)-2-[[4-[[2,4-bis(azanyl)-6-oxidanylidene-1H-pyrimidin-5-yl]carbamoylamino]phenyl]carbonylamino]pentanedioic acid' 'C17 H19 N7 O7'
CL non-polymer 'CHLORIDE ION' 'Cl -1'
GOL non-polymer GLYCEROL 'C3 H8 O3'
NAP non-polymer 'NADP NICOTINAMIDE-ADENINE-DINUCLEOTIDE PHOSPHATE' 'C21 H28 N7 O17 P3'
#
# COMPACT_ATOMS: atom_id res chain seq x y z
N MET A 22 -17.36 -24.50 20.73
CA MET A 22 -16.27 -24.89 19.80
C MET A 22 -16.22 -23.95 18.58
N ALA A 23 -15.02 -23.75 18.04
CA ALA A 23 -14.80 -22.79 16.95
C ALA A 23 -15.54 -23.19 15.67
N LEU A 24 -16.07 -22.19 14.96
CA LEU A 24 -16.65 -22.40 13.63
C LEU A 24 -15.52 -22.70 12.65
N VAL A 25 -15.63 -23.82 11.94
CA VAL A 25 -14.67 -24.14 10.88
C VAL A 25 -14.99 -23.27 9.67
N LEU A 26 -14.06 -22.42 9.28
CA LEU A 26 -14.20 -21.62 8.07
C LEU A 26 -13.84 -22.52 6.89
N ASP A 27 -14.86 -23.13 6.30
CA ASP A 27 -14.69 -24.18 5.30
C ASP A 27 -14.42 -23.60 3.92
N GLY A 28 -13.15 -23.42 3.59
CA GLY A 28 -12.74 -22.92 2.28
C GLY A 28 -13.02 -23.90 1.16
N ARG A 29 -12.95 -25.19 1.46
CA ARG A 29 -13.21 -26.23 0.47
C ARG A 29 -14.66 -26.19 -0.01
N ALA A 30 -15.59 -26.08 0.93
CA ALA A 30 -17.01 -26.01 0.61
C ALA A 30 -17.37 -24.70 -0.10
N LEU A 31 -16.75 -23.60 0.32
CA LEU A 31 -16.99 -22.30 -0.29
C LEU A 31 -16.49 -22.27 -1.73
N ALA A 32 -15.29 -22.81 -1.95
CA ALA A 32 -14.72 -22.91 -3.30
C ALA A 32 -15.64 -23.70 -4.23
N LYS A 33 -16.17 -24.81 -3.73
CA LYS A 33 -17.10 -25.64 -4.50
C LYS A 33 -18.36 -24.86 -4.87
N GLN A 34 -18.94 -24.18 -3.88
CA GLN A 34 -20.13 -23.37 -4.09
C GLN A 34 -19.90 -22.26 -5.14
N ILE A 35 -18.79 -21.54 -5.00
CA ILE A 35 -18.47 -20.44 -5.92
C ILE A 35 -18.27 -20.93 -7.36
N GLU A 36 -17.61 -22.08 -7.51
CA GLU A 36 -17.37 -22.64 -8.85
C GLU A 36 -18.67 -22.96 -9.61
N GLU A 37 -19.75 -23.23 -8.88
CA GLU A 37 -21.03 -23.53 -9.51
C GLU A 37 -21.46 -22.43 -10.48
N ASN A 38 -21.54 -21.18 -10.01
CA ASN A 38 -21.97 -20.09 -10.90
C ASN A 38 -20.87 -19.59 -11.81
N LEU A 39 -19.61 -19.76 -11.43
CA LEU A 39 -18.52 -19.45 -12.34
C LEU A 39 -18.64 -20.28 -13.62
N LEU A 40 -18.98 -21.56 -13.47
CA LEU A 40 -19.19 -22.45 -14.61
C LEU A 40 -20.35 -21.96 -15.49
N VAL A 41 -21.46 -21.55 -14.86
CA VAL A 41 -22.61 -21.00 -15.60
C VAL A 41 -22.19 -19.77 -16.42
N ARG A 42 -21.50 -18.84 -15.75
CA ARG A 42 -21.01 -17.63 -16.41
C ARG A 42 -20.11 -17.93 -17.60
N VAL A 43 -19.16 -18.85 -17.42
CA VAL A 43 -18.23 -19.18 -18.50
C VAL A 43 -18.96 -19.83 -19.68
N GLU A 44 -19.86 -20.77 -19.40
CA GLU A 44 -20.64 -21.42 -20.45
C GLU A 44 -21.51 -20.42 -21.20
N ALA A 45 -22.03 -19.42 -20.49
CA ALA A 45 -22.78 -18.33 -21.12
C ALA A 45 -21.90 -17.53 -22.07
N LEU A 46 -20.70 -17.18 -21.61
CA LEU A 46 -19.75 -16.39 -22.41
C LEU A 46 -19.32 -17.16 -23.67
N LYS A 47 -19.03 -18.45 -23.51
CA LYS A 47 -18.60 -19.29 -24.63
C LYS A 47 -19.70 -19.47 -25.67
N ALA A 48 -20.94 -19.64 -25.21
CA ALA A 48 -22.09 -19.75 -26.12
C ALA A 48 -22.34 -18.43 -26.85
N LYS A 49 -22.14 -17.32 -26.15
CA LYS A 49 -22.31 -15.98 -26.73
C LYS A 49 -21.23 -15.65 -27.78
N THR A 50 -19.97 -15.87 -27.43
CA THR A 50 -18.84 -15.39 -28.24
C THR A 50 -18.17 -16.47 -29.11
N GLY A 51 -18.33 -17.73 -28.75
CA GLY A 51 -17.62 -18.83 -29.41
C GLY A 51 -16.15 -18.93 -29.00
N ARG A 52 -15.76 -18.25 -27.93
CA ARG A 52 -14.37 -18.24 -27.49
C ARG A 52 -14.23 -18.71 -26.04
N THR A 53 -13.19 -19.50 -25.79
CA THR A 53 -12.93 -20.03 -24.45
C THR A 53 -11.97 -19.12 -23.69
N PRO A 54 -12.35 -18.71 -22.47
CA PRO A 54 -11.42 -17.93 -21.64
C PRO A 54 -10.14 -18.72 -21.35
N ILE A 55 -9.01 -18.03 -21.38
CA ILE A 55 -7.70 -18.64 -21.14
C ILE A 55 -6.95 -17.93 -20.04
N LEU A 56 -6.48 -18.70 -19.07
CA LEU A 56 -5.51 -18.23 -18.09
C LEU A 56 -4.15 -18.78 -18.53
N ALA A 57 -3.19 -17.90 -18.78
CA ALA A 57 -1.82 -18.34 -19.06
C ALA A 57 -1.12 -18.49 -17.71
N THR A 58 -0.56 -19.67 -17.47
CA THR A 58 0.21 -19.92 -16.25
C THR A 58 1.68 -20.03 -16.58
N ILE A 59 2.52 -19.33 -15.82
CA ILE A 59 3.95 -19.35 -16.05
C ILE A 59 4.63 -20.03 -14.86
N LEU A 60 5.25 -21.18 -15.14
CA LEU A 60 6.04 -21.92 -14.16
C LEU A 60 7.49 -21.82 -14.60
N VAL A 61 8.32 -21.19 -13.78
CA VAL A 61 9.74 -21.02 -14.08
C VAL A 61 10.58 -21.86 -13.12
N GLY A 62 11.31 -22.84 -13.67
CA GLY A 62 12.18 -23.68 -12.86
C GLY A 62 11.53 -24.89 -12.22
N ASP A 63 12.22 -25.46 -11.24
CA ASP A 63 11.99 -26.83 -10.78
C ASP A 63 11.34 -26.96 -9.39
N ASP A 64 10.78 -25.89 -8.85
CA ASP A 64 10.10 -25.96 -7.55
C ASP A 64 8.89 -26.90 -7.64
N GLY A 65 8.95 -28.00 -6.91
CA GLY A 65 7.87 -29.00 -6.92
C GLY A 65 6.52 -28.48 -6.45
N ALA A 66 6.52 -27.72 -5.36
CA ALA A 66 5.30 -27.09 -4.86
C ALA A 66 4.68 -26.15 -5.89
N SER A 67 5.52 -25.33 -6.54
CA SER A 67 5.05 -24.43 -7.61
C SER A 67 4.40 -25.23 -8.74
N ALA A 68 5.06 -26.30 -9.17
CA ALA A 68 4.49 -27.21 -10.17
C ALA A 68 3.11 -27.70 -9.74
N THR A 69 3.02 -28.19 -8.51
CA THR A 69 1.77 -28.73 -7.98
C THR A 69 0.65 -27.69 -7.98
N TYR A 70 0.96 -26.49 -7.50
CA TYR A 70 -0.04 -25.43 -7.40
C TYR A 70 -0.48 -24.92 -8.78
N VAL A 71 0.46 -24.84 -9.72
CA VAL A 71 0.11 -24.46 -11.10
C VAL A 71 -0.85 -25.49 -11.71
N ARG A 72 -0.60 -26.78 -11.51
CA ARG A 72 -1.50 -27.82 -12.01
C ARG A 72 -2.89 -27.69 -11.38
N MET A 73 -2.93 -27.43 -10.08
CA MET A 73 -4.20 -27.28 -9.36
C MET A 73 -5.00 -26.11 -9.93
N LYS A 74 -4.30 -25.02 -10.26
CA LYS A 74 -4.94 -23.84 -10.84
C LYS A 74 -5.45 -24.13 -12.26
N GLY A 75 -4.67 -24.86 -13.05
CA GLY A 75 -5.12 -25.32 -14.36
C GLY A 75 -6.35 -26.19 -14.29
N ASN A 76 -6.35 -27.14 -13.36
CA ASN A 76 -7.51 -28.00 -13.15
C ASN A 76 -8.76 -27.17 -12.79
N ALA A 77 -8.58 -26.21 -11.90
CA ALA A 77 -9.67 -25.32 -11.49
C ALA A 77 -10.26 -24.54 -12.68
N CYS A 78 -9.38 -24.05 -13.55
CA CYS A 78 -9.81 -23.39 -14.80
C CYS A 78 -10.75 -24.30 -15.59
N ARG A 79 -10.29 -25.53 -15.81
CA ARG A 79 -11.05 -26.49 -16.61
C ARG A 79 -12.36 -26.92 -15.93
N ARG A 80 -12.39 -26.92 -14.60
CA ARG A 80 -13.62 -27.23 -13.84
C ARG A 80 -14.75 -26.22 -14.11
N VAL A 81 -14.40 -24.98 -14.41
CA VAL A 81 -15.42 -23.95 -14.71
C VAL A 81 -15.52 -23.62 -16.21
N GLY A 82 -15.02 -24.50 -17.07
CA GLY A 82 -15.22 -24.35 -18.52
C GLY A 82 -14.18 -23.51 -19.23
N MET A 83 -13.15 -23.08 -18.51
CA MET A 83 -12.05 -22.34 -19.12
C MET A 83 -10.92 -23.31 -19.44
N ASP A 84 -9.82 -22.79 -19.97
CA ASP A 84 -8.61 -23.60 -20.10
C ASP A 84 -7.40 -22.75 -19.76
N SER A 85 -6.25 -23.39 -19.70
CA SER A 85 -5.00 -22.71 -19.42
C SER A 85 -4.05 -22.81 -20.59
N LEU A 86 -3.22 -21.80 -20.77
CA LEU A 86 -2.06 -21.86 -21.65
C LEU A 86 -0.84 -22.08 -20.75
N LYS A 87 -0.30 -23.29 -20.81
CA LYS A 87 0.80 -23.68 -19.94
C LYS A 87 2.16 -23.22 -20.46
N ILE A 88 2.75 -22.26 -19.78
CA ILE A 88 4.07 -21.77 -20.11
C ILE A 88 5.05 -22.31 -19.06
N GLU A 89 6.02 -23.11 -19.49
CA GLU A 89 7.03 -23.69 -18.62
C GLU A 89 8.42 -23.29 -19.09
N LEU A 90 9.17 -22.62 -18.21
CA LEU A 90 10.50 -22.10 -18.55
C LEU A 90 11.56 -22.75 -17.65
N PRO A 91 12.79 -22.88 -18.14
CA PRO A 91 13.83 -23.57 -17.38
C PRO A 91 14.32 -22.79 -16.14
N GLN A 92 14.96 -23.50 -15.22
CA GLN A 92 15.51 -22.93 -13.99
C GLN A 92 16.39 -21.69 -14.24
N GLU A 93 17.15 -21.72 -15.33
CA GLU A 93 18.17 -20.69 -15.59
C GLU A 93 17.65 -19.50 -16.40
N THR A 94 16.34 -19.44 -16.61
CA THR A 94 15.70 -18.30 -17.26
C THR A 94 16.14 -16.98 -16.61
N THR A 95 16.44 -15.98 -17.44
CA THR A 95 16.84 -14.65 -16.97
C THR A 95 15.64 -13.72 -16.87
N THR A 96 15.84 -12.59 -16.20
CA THR A 96 14.80 -11.58 -16.06
C THR A 96 14.33 -11.11 -17.44
N GLU A 97 15.26 -10.88 -18.33
CA GLU A 97 15.00 -10.38 -19.66
C GLU A 97 14.16 -11.36 -20.47
N GLN A 98 14.48 -12.63 -20.35
CA GLN A 98 13.71 -13.68 -21.03
C GLN A 98 12.28 -13.77 -20.51
N LEU A 99 12.10 -13.74 -19.19
CA LEU A 99 10.76 -13.80 -18.60
C LEU A 99 9.91 -12.58 -18.98
N LEU A 100 10.52 -11.39 -18.95
CA LEU A 100 9.85 -10.17 -19.37
C LEU A 100 9.34 -10.28 -20.81
N ALA A 101 10.21 -10.72 -21.71
CA ALA A 101 9.83 -10.92 -23.12
C ALA A 101 8.63 -11.87 -23.23
N GLU A 102 8.67 -12.93 -22.45
CA GLU A 102 7.62 -13.94 -22.43
C GLU A 102 6.28 -13.37 -21.93
N ILE A 103 6.35 -12.51 -20.92
CA ILE A 103 5.16 -11.83 -20.41
C ILE A 103 4.61 -10.81 -21.42
N GLU A 104 5.50 -10.11 -22.12
CA GLU A 104 5.05 -9.17 -23.16
C GLU A 104 4.38 -9.88 -24.34
N LYS A 105 4.81 -11.10 -24.64
CA LYS A 105 4.10 -11.91 -25.64
C LYS A 105 2.67 -12.15 -25.19
N LEU A 106 2.50 -12.58 -23.94
CA LEU A 106 1.18 -12.88 -23.39
C LEU A 106 0.29 -11.64 -23.26
N ASN A 107 0.88 -10.49 -22.89
CA ASN A 107 0.14 -9.23 -22.83
C ASN A 107 -0.52 -8.89 -24.17
N ALA A 108 0.19 -9.14 -25.26
CA ALA A 108 -0.27 -8.82 -26.62
C ALA A 108 -0.97 -10.01 -27.29
N ASN A 109 -1.24 -11.07 -26.54
CA ASN A 109 -1.95 -12.23 -27.06
C ASN A 109 -3.44 -12.09 -26.74
N PRO A 110 -4.26 -11.75 -27.76
CA PRO A 110 -5.69 -11.54 -27.50
C PRO A 110 -6.43 -12.81 -27.08
N ASP A 111 -5.82 -13.97 -27.27
CA ASP A 111 -6.43 -15.22 -26.82
C ASP A 111 -6.18 -15.52 -25.34
N VAL A 112 -5.34 -14.72 -24.68
CA VAL A 112 -5.02 -14.90 -23.26
C VAL A 112 -5.66 -13.77 -22.45
N HIS A 113 -6.48 -14.13 -21.47
CA HIS A 113 -7.26 -13.15 -20.71
C HIS A 113 -6.72 -12.85 -19.34
N GLY A 114 -5.98 -13.79 -18.76
CA GLY A 114 -5.29 -13.57 -17.49
C GLY A 114 -3.89 -14.16 -17.51
N ILE A 115 -2.99 -13.59 -16.71
CA ILE A 115 -1.61 -14.09 -16.61
C ILE A 115 -1.24 -14.35 -15.15
N LEU A 116 -0.82 -15.58 -14.88
CA LEU A 116 -0.27 -15.99 -13.58
C LEU A 116 1.23 -16.24 -13.71
N LEU A 117 2.01 -15.60 -12.86
CA LEU A 117 3.41 -15.95 -12.67
C LEU A 117 3.51 -16.54 -11.26
N GLN A 118 3.76 -17.84 -11.20
CA GLN A 118 3.83 -18.55 -9.92
C GLN A 118 5.11 -18.18 -9.17
N HIS A 119 4.93 -17.67 -7.96
CA HIS A 119 6.02 -17.33 -7.04
C HIS A 119 6.40 -18.56 -6.25
N PRO A 120 7.70 -18.74 -5.92
CA PRO A 120 8.84 -17.88 -6.19
C PRO A 120 9.62 -18.32 -7.42
N VAL A 121 9.89 -17.38 -8.33
CA VAL A 121 10.74 -17.65 -9.49
C VAL A 121 12.20 -17.84 -9.04
N PRO A 122 13.02 -18.48 -9.88
CA PRO A 122 14.44 -18.65 -9.55
C PRO A 122 15.11 -17.35 -9.11
N ALA A 123 16.03 -17.44 -8.14
CA ALA A 123 16.55 -16.27 -7.43
C ALA A 123 17.24 -15.24 -8.32
N GLN A 124 17.80 -15.67 -9.46
CA GLN A 124 18.46 -14.75 -10.39
C GLN A 124 17.48 -13.80 -11.09
N ILE A 125 16.19 -14.14 -11.07
CA ILE A 125 15.16 -13.34 -11.74
C ILE A 125 14.63 -12.24 -10.83
N ASP A 126 14.48 -11.03 -11.38
CA ASP A 126 13.82 -9.92 -10.68
C ASP A 126 12.33 -10.14 -10.73
N GLU A 127 11.78 -10.78 -9.70
CA GLU A 127 10.38 -11.19 -9.69
C GLU A 127 9.45 -9.99 -9.71
N ARG A 128 9.77 -8.96 -8.92
CA ARG A 128 9.01 -7.72 -8.88
C ARG A 128 8.92 -7.08 -10.27
N ALA A 129 10.04 -7.01 -10.99
CA ALA A 129 10.04 -6.46 -12.34
C ALA A 129 9.10 -7.26 -13.25
N CYS A 130 9.11 -8.58 -13.09
CA CYS A 130 8.30 -9.45 -13.93
C CYS A 130 6.82 -9.38 -13.56
N PHE A 131 6.50 -9.37 -12.27
CA PHE A 131 5.13 -9.11 -11.81
C PHE A 131 4.59 -7.84 -12.48
N ASP A 132 5.36 -6.75 -12.39
CA ASP A 132 4.91 -5.46 -12.88
C ASP A 132 4.81 -5.35 -14.41
N ALA A 133 5.42 -6.29 -15.14
CA ALA A 133 5.30 -6.35 -16.59
C ALA A 133 3.93 -6.86 -17.04
N ILE A 134 3.24 -7.60 -16.18
CA ILE A 134 1.89 -8.10 -16.50
C ILE A 134 0.93 -6.91 -16.64
N SER A 135 0.16 -6.86 -17.73
CA SER A 135 -0.80 -5.80 -17.94
CA SER A 135 -0.81 -5.80 -17.95
C SER A 135 -1.86 -5.83 -16.85
N LEU A 136 -2.31 -4.64 -16.43
CA LEU A 136 -3.29 -4.54 -15.35
C LEU A 136 -4.55 -5.36 -15.70
N ALA A 137 -5.00 -5.24 -16.94
CA ALA A 137 -6.18 -5.98 -17.41
C ALA A 137 -6.07 -7.49 -17.22
N LYS A 138 -4.85 -8.02 -17.30
CA LYS A 138 -4.61 -9.46 -17.20
C LYS A 138 -3.99 -9.86 -15.85
N ASP A 139 -3.89 -8.91 -14.92
CA ASP A 139 -3.29 -9.17 -13.60
C ASP A 139 -4.30 -9.86 -12.66
N VAL A 140 -4.79 -11.01 -13.09
CA VAL A 140 -5.86 -11.72 -12.37
C VAL A 140 -5.40 -12.40 -11.07
N ASP A 141 -4.10 -12.50 -10.86
CA ASP A 141 -3.57 -12.96 -9.57
C ASP A 141 -3.24 -11.80 -8.63
N GLY A 142 -3.36 -10.57 -9.12
CA GLY A 142 -3.15 -9.36 -8.31
C GLY A 142 -1.75 -9.13 -7.80
N VAL A 143 -0.75 -9.23 -8.67
CA VAL A 143 0.64 -9.12 -8.26
C VAL A 143 1.32 -7.79 -8.59
N THR A 144 0.70 -6.95 -9.43
CA THR A 144 1.35 -5.70 -9.86
C THR A 144 1.32 -4.66 -8.76
N CYS A 145 2.34 -3.79 -8.73
CA CYS A 145 2.35 -2.65 -7.81
C CYS A 145 1.14 -1.75 -8.05
N LEU A 146 0.80 -1.56 -9.31
CA LEU A 146 -0.35 -0.73 -9.70
C LEU A 146 -1.65 -1.31 -9.14
N GLY A 147 -1.85 -2.61 -9.34
CA GLY A 147 -3.00 -3.31 -8.78
C GLY A 147 -3.09 -3.15 -7.27
N PHE A 148 -1.94 -3.26 -6.59
CA PHE A 148 -1.87 -3.12 -5.14
C PHE A 148 -2.24 -1.72 -4.68
N GLY A 149 -1.63 -0.71 -5.31
CA GLY A 149 -1.93 0.68 -4.99
C GLY A 149 -3.37 1.04 -5.21
N ARG A 150 -3.93 0.62 -6.35
CA ARG A 150 -5.34 0.86 -6.64
C ARG A 150 -6.25 0.21 -5.57
N MET A 151 -5.99 -1.05 -5.24
CA MET A 151 -6.72 -1.73 -4.16
C MET A 151 -6.61 -0.97 -2.84
N ALA A 152 -5.39 -0.57 -2.49
CA ALA A 152 -5.13 0.14 -1.23
C ALA A 152 -5.88 1.47 -1.16
N MET A 153 -6.07 2.12 -2.30
CA MET A 153 -6.76 3.41 -2.36
C MET A 153 -8.25 3.31 -2.71
N GLY A 154 -8.79 2.09 -2.72
CA GLY A 154 -10.22 1.86 -2.92
C GLY A 154 -10.69 1.84 -4.38
N GLU A 155 -9.75 1.82 -5.31
CA GLU A 155 -10.09 1.74 -6.74
C GLU A 155 -10.21 0.28 -7.17
N ALA A 156 -11.05 0.05 -8.17
CA ALA A 156 -11.32 -1.30 -8.66
C ALA A 156 -10.04 -1.95 -9.15
N ALA A 157 -9.78 -3.18 -8.70
CA ALA A 157 -8.60 -3.93 -9.09
C ALA A 157 -8.73 -5.40 -8.70
N TYR A 158 -8.09 -6.28 -9.47
CA TYR A 158 -7.99 -7.68 -9.08
C TYR A 158 -7.04 -7.74 -7.89
N GLY A 159 -7.47 -8.38 -6.81
CA GLY A 159 -6.69 -8.45 -5.59
C GLY A 159 -5.80 -9.66 -5.59
N SER A 160 -4.71 -9.60 -4.84
CA SER A 160 -3.81 -10.74 -4.72
C SER A 160 -4.64 -11.93 -4.22
N ALA A 161 -4.48 -13.07 -4.87
CA ALA A 161 -5.43 -14.18 -4.77
C ALA A 161 -5.67 -14.68 -3.35
N THR A 162 -4.60 -14.94 -2.61
CA THR A 162 -4.74 -15.52 -1.28
C THR A 162 -5.44 -14.55 -0.30
N PRO A 163 -4.95 -13.30 -0.20
CA PRO A 163 -5.65 -12.38 0.73
C PRO A 163 -7.09 -12.04 0.32
N ALA A 164 -7.34 -11.90 -0.99
CA ALA A 164 -8.71 -11.68 -1.47
C ALA A 164 -9.60 -12.88 -1.15
N GLY A 165 -9.03 -14.07 -1.26
CA GLY A 165 -9.73 -15.29 -0.88
C GLY A 165 -10.10 -15.32 0.60
N ILE A 166 -9.19 -14.81 1.44
CA ILE A 166 -9.42 -14.74 2.89
C ILE A 166 -10.58 -13.79 3.20
N MET A 167 -10.60 -12.62 2.55
CA MET A 167 -11.70 -11.66 2.77
C MET A 167 -13.04 -12.29 2.40
N THR A 168 -13.05 -13.08 1.33
CA THR A 168 -14.26 -13.78 0.90
C THR A 168 -14.72 -14.81 1.94
N ILE A 169 -13.77 -15.57 2.48
CA ILE A 169 -14.06 -16.51 3.57
C ILE A 169 -14.70 -15.78 4.76
N LEU A 170 -14.06 -14.70 5.20
CA LEU A 170 -14.55 -13.95 6.34
C LEU A 170 -15.95 -13.37 6.07
N LYS A 171 -16.17 -12.84 4.87
CA LYS A 171 -17.46 -12.24 4.55
C LYS A 171 -18.58 -13.27 4.39
N GLU A 172 -18.29 -14.38 3.72
CA GLU A 172 -19.30 -15.41 3.52
C GLU A 172 -19.69 -16.08 4.85
N ASN A 173 -18.75 -16.10 5.79
CA ASN A 173 -19.00 -16.64 7.13
C ASN A 173 -19.43 -15.58 8.14
N ASN A 174 -19.85 -14.40 7.64
CA ASN A 174 -20.40 -13.34 8.48
C ASN A 174 -19.49 -12.94 9.64
N ILE A 175 -18.18 -12.93 9.39
CA ILE A 175 -17.19 -12.55 10.40
C ILE A 175 -17.11 -11.04 10.49
N GLU A 176 -17.27 -10.50 11.69
CA GLU A 176 -17.23 -9.06 11.93
C GLU A 176 -15.79 -8.57 11.81
N ILE A 177 -15.56 -7.58 10.94
CA ILE A 177 -14.21 -7.03 10.71
C ILE A 177 -14.09 -5.57 11.18
N ALA A 178 -15.09 -4.76 10.85
CA ALA A 178 -15.11 -3.34 11.21
C ALA A 178 -14.91 -3.14 12.72
N GLY A 179 -13.90 -2.36 13.08
CA GLY A 179 -13.62 -2.05 14.48
C GLY A 179 -12.79 -3.09 15.21
N LYS A 180 -12.52 -4.22 14.57
CA LYS A 180 -11.71 -5.27 15.19
C LYS A 180 -10.24 -4.97 14.99
N HIS A 181 -9.42 -5.48 15.91
CA HIS A 181 -7.97 -5.39 15.80
C HIS A 181 -7.46 -6.58 15.06
N ALA A 182 -7.02 -6.37 13.82
CA ALA A 182 -6.40 -7.41 13.02
C ALA A 182 -4.88 -7.32 13.12
N VAL A 183 -4.25 -8.45 13.38
CA VAL A 183 -2.79 -8.55 13.35
C VAL A 183 -2.39 -9.49 12.21
N VAL A 184 -1.64 -8.94 11.27
CA VAL A 184 -1.11 -9.72 10.16
C VAL A 184 0.36 -9.99 10.45
N VAL A 185 0.71 -11.26 10.60
CA VAL A 185 2.10 -11.64 10.84
C VAL A 185 2.73 -12.06 9.52
N GLY A 186 3.60 -11.21 9.00
CA GLY A 186 4.15 -11.35 7.65
C GLY A 186 3.76 -10.15 6.80
N ARG A 187 4.65 -9.74 5.91
CA ARG A 187 4.48 -8.54 5.09
C ARG A 187 4.96 -8.75 3.65
N SER A 188 4.78 -9.96 3.12
CA SER A 188 5.22 -10.24 1.76
C SER A 188 4.39 -9.46 0.74
N ALA A 189 4.97 -9.27 -0.44
CA ALA A 189 4.33 -8.49 -1.50
C ALA A 189 2.99 -9.08 -1.91
N ILE A 190 2.87 -10.40 -1.96
CA ILE A 190 1.63 -11.02 -2.46
C ILE A 190 0.71 -11.57 -1.37
N LEU A 191 1.13 -11.51 -0.11
CA LEU A 191 0.30 -12.02 0.98
C LEU A 191 0.11 -10.98 2.08
N GLY A 192 1.12 -10.77 2.93
CA GLY A 192 0.98 -9.92 4.11
C GLY A 192 0.54 -8.48 3.85
N LYS A 193 1.21 -7.83 2.90
CA LYS A 193 0.93 -6.42 2.59
C LYS A 193 -0.47 -6.22 2.02
N PRO A 194 -0.85 -6.99 0.97
CA PRO A 194 -2.23 -6.86 0.50
C PRO A 194 -3.28 -7.26 1.54
N MET A 195 -2.98 -8.29 2.33
CA MET A 195 -3.87 -8.71 3.41
C MET A 195 -4.14 -7.56 4.36
N ALA A 196 -3.07 -6.88 4.76
CA ALA A 196 -3.17 -5.74 5.67
C ALA A 196 -4.06 -4.63 5.09
N MET A 197 -3.81 -4.27 3.82
CA MET A 197 -4.58 -3.21 3.16
C MET A 197 -6.04 -3.60 2.95
N MET A 198 -6.30 -4.87 2.65
CA MET A 198 -7.69 -5.33 2.49
C MET A 198 -8.46 -5.28 3.82
N LEU A 199 -7.82 -5.70 4.91
CA LEU A 199 -8.44 -5.64 6.23
C LEU A 199 -8.67 -4.18 6.64
N LEU A 200 -7.70 -3.32 6.35
CA LEU A 200 -7.83 -1.89 6.62
C LEU A 200 -9.04 -1.32 5.89
N GLN A 201 -9.15 -1.65 4.60
CA GLN A 201 -10.29 -1.25 3.76
C GLN A 201 -11.64 -1.71 4.36
N ALA A 202 -11.62 -2.86 5.03
CA ALA A 202 -12.82 -3.38 5.71
C ALA A 202 -12.97 -2.83 7.15
N ASN A 203 -12.21 -1.78 7.47
CA ASN A 203 -12.34 -1.02 8.72
C ASN A 203 -11.86 -1.73 9.99
N ALA A 204 -11.00 -2.73 9.83
CA ALA A 204 -10.25 -3.25 10.96
C ALA A 204 -9.15 -2.24 11.30
N THR A 205 -8.75 -2.22 12.57
CA THR A 205 -7.49 -1.62 12.96
C THR A 205 -6.44 -2.67 12.65
N VAL A 206 -5.38 -2.29 11.94
CA VAL A 206 -4.43 -3.28 11.44
C VAL A 206 -3.03 -3.08 11.97
N THR A 207 -2.48 -4.14 12.55
CA THR A 207 -1.09 -4.19 12.96
C THR A 207 -0.35 -5.18 12.07
N ILE A 208 0.75 -4.72 11.48
CA ILE A 208 1.56 -5.53 10.59
C ILE A 208 2.85 -5.90 11.30
N CYS A 209 3.09 -7.20 11.48
CA CYS A 209 4.29 -7.72 12.12
C CYS A 209 5.18 -8.43 11.11
N HIS A 210 6.43 -8.66 11.50
CA HIS A 210 7.43 -9.27 10.62
C HIS A 210 8.61 -9.71 11.44
N SER A 211 9.70 -10.14 10.77
CA SER A 211 10.84 -10.75 11.47
C SER A 211 11.55 -9.81 12.42
N ARG A 212 11.33 -8.50 12.29
CA ARG A 212 11.93 -7.53 13.20
C ARG A 212 10.98 -7.00 14.29
N THR A 213 9.77 -7.57 14.37
CA THR A 213 8.85 -7.30 15.47
C THR A 213 9.43 -7.88 16.76
N GLN A 214 9.54 -7.04 17.80
CA GLN A 214 10.25 -7.41 19.03
C GLN A 214 9.39 -8.08 20.10
N ASN A 215 8.07 -7.99 19.96
CA ASN A 215 7.15 -8.48 20.98
C ASN A 215 5.97 -9.21 20.35
N LEU A 216 6.27 -10.12 19.42
CA LEU A 216 5.24 -10.76 18.60
C LEU A 216 4.15 -11.46 19.42
N PRO A 217 4.53 -12.26 20.45
CA PRO A 217 3.51 -12.93 21.26
C PRO A 217 2.52 -11.95 21.91
N GLU A 218 3.04 -10.83 22.43
CA GLU A 218 2.20 -9.80 23.04
C GLU A 218 1.17 -9.24 22.06
N LEU A 219 1.61 -8.96 20.84
CA LEU A 219 0.73 -8.36 19.83
C LEU A 219 -0.32 -9.35 19.33
N VAL A 220 0.10 -10.59 19.09
CA VAL A 220 -0.82 -11.64 18.66
C VAL A 220 -1.94 -11.87 19.68
N LYS A 221 -1.60 -11.80 20.97
CA LYS A 221 -2.58 -11.97 22.05
C LYS A 221 -3.64 -10.85 22.08
N GLN A 222 -3.35 -9.71 21.46
CA GLN A 222 -4.34 -8.63 21.30
C GLN A 222 -5.22 -8.77 20.07
N ALA A 223 -4.88 -9.69 19.18
CA ALA A 223 -5.57 -9.83 17.89
C ALA A 223 -6.98 -10.40 18.03
N ASP A 224 -7.97 -9.64 17.56
CA ASP A 224 -9.31 -10.16 17.33
C ASP A 224 -9.33 -11.05 16.10
N ILE A 225 -8.54 -10.67 15.09
CA ILE A 225 -8.36 -11.49 13.90
C ILE A 225 -6.86 -11.63 13.69
N ILE A 226 -6.38 -12.88 13.64
CA ILE A 226 -4.95 -13.11 13.45
C ILE A 226 -4.75 -13.83 12.12
N VAL A 227 -3.85 -13.28 11.29
CA VAL A 227 -3.48 -13.90 10.01
C VAL A 227 -2.03 -14.36 10.06
N GLY A 228 -1.80 -15.66 9.91
CA GLY A 228 -0.46 -16.21 9.87
C GLY A 228 0.03 -16.27 8.45
N ALA A 229 1.04 -15.46 8.13
CA ALA A 229 1.57 -15.37 6.77
C ALA A 229 3.09 -15.32 6.79
N VAL A 230 3.70 -16.26 7.53
CA VAL A 230 5.14 -16.26 7.75
C VAL A 230 5.90 -17.36 6.99
N GLY A 231 5.19 -18.38 6.52
CA GLY A 231 5.83 -19.50 5.85
C GLY A 231 6.82 -20.24 6.73
N LYS A 232 6.44 -20.46 7.99
CA LYS A 232 7.24 -21.25 8.92
C LYS A 232 6.29 -22.07 9.78
N ALA A 233 6.48 -23.39 9.76
CA ALA A 233 5.55 -24.34 10.36
C ALA A 233 5.22 -24.00 11.81
N GLU A 234 3.94 -23.75 12.07
CA GLU A 234 3.44 -23.54 13.43
C GLU A 234 4.30 -22.57 14.24
N LEU A 235 4.75 -21.49 13.61
CA LEU A 235 5.51 -20.46 14.32
C LEU A 235 4.61 -19.75 15.33
N ILE A 236 3.40 -19.41 14.90
CA ILE A 236 2.44 -18.71 15.77
C ILE A 236 1.85 -19.71 16.78
N GLN A 237 2.19 -19.51 18.05
CA GLN A 237 1.81 -20.46 19.09
C GLN A 237 0.34 -20.32 19.50
N LYS A 238 -0.29 -21.45 19.81
CA LYS A 238 -1.68 -21.48 20.27
C LYS A 238 -1.84 -20.66 21.54
N ASP A 239 -0.82 -20.67 22.40
CA ASP A 239 -0.84 -19.93 23.66
C ASP A 239 -0.92 -18.40 23.45
N TRP A 240 -0.58 -17.92 22.25
CA TRP A 240 -0.65 -16.49 21.96
C TRP A 240 -2.00 -16.03 21.48
N ILE A 241 -2.92 -16.97 21.23
CA ILE A 241 -4.20 -16.63 20.61
C ILE A 241 -5.22 -16.16 21.64
N LYS A 242 -5.87 -15.04 21.32
CA LYS A 242 -6.90 -14.45 22.18
C LYS A 242 -8.15 -15.33 22.17
N GLN A 243 -8.76 -15.50 23.33
CA GLN A 243 -9.98 -16.29 23.43
C GLN A 243 -11.08 -15.61 22.62
N GLY A 244 -11.68 -16.35 21.69
CA GLY A 244 -12.71 -15.81 20.81
C GLY A 244 -12.18 -15.19 19.53
N ALA A 245 -10.86 -15.23 19.33
CA ALA A 245 -10.25 -14.69 18.12
C ALA A 245 -10.67 -15.46 16.87
N VAL A 246 -10.61 -14.76 15.72
CA VAL A 246 -10.79 -15.38 14.42
C VAL A 246 -9.40 -15.68 13.89
N VAL A 247 -9.12 -16.94 13.61
CA VAL A 247 -7.77 -17.41 13.30
C VAL A 247 -7.66 -17.83 11.84
N VAL A 248 -6.81 -17.14 11.09
CA VAL A 248 -6.60 -17.41 9.68
C VAL A 248 -5.15 -17.86 9.46
N ASP A 249 -5.01 -19.08 8.95
CA ASP A 249 -3.71 -19.67 8.74
C ASP A 249 -3.49 -19.81 7.25
N ALA A 250 -2.61 -18.97 6.72
CA ALA A 250 -2.31 -18.96 5.28
C ALA A 250 -1.11 -19.83 4.92
N GLY A 251 -0.58 -20.58 5.89
CA GLY A 251 0.57 -21.45 5.65
C GLY A 251 0.20 -22.86 5.18
N PHE A 252 1.16 -23.55 4.59
CA PHE A 252 1.04 -24.98 4.37
C PHE A 252 2.40 -25.63 4.23
N HIS A 253 2.64 -26.65 5.06
CA HIS A 253 3.90 -27.35 5.13
C HIS A 253 3.62 -28.83 5.15
N PRO A 254 3.97 -29.56 4.07
CA PRO A 254 3.72 -31.00 4.01
C PRO A 254 4.35 -31.78 5.16
N ARG A 255 3.61 -32.76 5.69
CA ARG A 255 4.11 -33.65 6.74
C ARG A 255 3.45 -35.03 6.66
N ASP A 256 4.11 -36.03 7.23
CA ASP A 256 3.61 -37.40 7.27
C ASP A 256 2.20 -37.45 7.85
N GLY A 257 1.22 -37.72 6.99
CA GLY A 257 -0.17 -37.88 7.41
C GLY A 257 -0.82 -36.59 7.87
N GLY A 258 -0.74 -35.56 7.02
CA GLY A 258 -1.42 -34.27 7.28
C GLY A 258 -0.46 -33.12 7.48
N GLY A 259 -0.49 -32.15 6.56
CA GLY A 259 0.35 -30.97 6.65
C GLY A 259 -0.11 -30.01 7.73
N VAL A 260 0.76 -29.06 8.10
CA VAL A 260 0.45 -28.04 9.08
C VAL A 260 0.66 -26.66 8.47
N GLY A 261 0.05 -25.65 9.06
CA GLY A 261 0.18 -24.28 8.60
C GLY A 261 1.16 -23.48 9.42
N ASP A 262 1.03 -22.16 9.37
CA ASP A 262 1.89 -21.24 10.13
C ASP A 262 1.44 -21.09 11.58
N ILE A 263 0.30 -21.66 11.96
CA ILE A 263 -0.22 -21.52 13.31
C ILE A 263 -0.47 -22.90 13.96
N GLN A 264 -0.18 -23.01 15.25
CA GLN A 264 -0.53 -24.21 16.02
C GLN A 264 -2.05 -24.31 16.14
N LEU A 265 -2.65 -25.26 15.43
CA LEU A 265 -4.11 -25.40 15.40
C LEU A 265 -4.66 -26.59 16.20
N GLN A 266 -3.77 -27.44 16.72
CA GLN A 266 -4.20 -28.54 17.57
C GLN A 266 -4.80 -27.99 18.86
N GLY A 267 -6.12 -28.16 19.02
CA GLY A 267 -6.82 -27.61 20.18
C GLY A 267 -7.33 -26.19 19.99
N ILE A 268 -7.25 -25.68 18.76
CA ILE A 268 -7.72 -24.32 18.45
C ILE A 268 -9.23 -24.18 18.61
N GLU A 269 -9.95 -25.30 18.46
CA GLU A 269 -11.41 -25.32 18.62
C GLU A 269 -11.87 -24.87 20.03
N GLU A 270 -11.01 -25.00 21.03
CA GLU A 270 -11.31 -24.49 22.37
C GLU A 270 -11.06 -22.99 22.54
N ILE A 271 -10.37 -22.39 21.58
CA ILE A 271 -9.85 -21.02 21.73
C ILE A 271 -10.50 -20.04 20.75
N ALA A 272 -10.46 -20.36 19.47
CA ALA A 272 -10.99 -19.48 18.42
C ALA A 272 -12.51 -19.47 18.40
N SER A 273 -13.08 -18.34 17.99
CA SER A 273 -14.50 -18.27 17.66
C SER A 273 -14.71 -18.90 16.27
N ALA A 274 -13.70 -18.75 15.43
CA ALA A 274 -13.70 -19.31 14.09
C ALA A 274 -12.26 -19.47 13.60
N TYR A 275 -12.01 -20.46 12.77
CA TYR A 275 -10.66 -20.68 12.25
C TYR A 275 -10.69 -21.37 10.89
N THR A 276 -9.64 -21.13 10.11
CA THR A 276 -9.43 -21.80 8.85
C THR A 276 -8.64 -23.08 9.09
N PRO A 277 -9.19 -24.24 8.68
CA PRO A 277 -8.41 -25.45 8.84
C PRO A 277 -7.27 -25.51 7.83
N VAL A 278 -6.27 -26.33 8.12
CA VAL A 278 -5.15 -26.58 7.22
C VAL A 278 -4.94 -28.10 7.14
N PRO A 279 -5.17 -28.71 5.97
CA PRO A 279 -5.60 -28.11 4.70
C PRO A 279 -7.08 -27.75 4.67
N GLY A 280 -7.56 -27.28 3.52
CA GLY A 280 -8.99 -27.10 3.28
C GLY A 280 -9.56 -25.76 3.70
N GLY A 281 -8.70 -24.79 3.97
CA GLY A 281 -9.14 -23.45 4.37
C GLY A 281 -8.77 -22.39 3.35
N VAL A 282 -7.64 -21.74 3.58
CA VAL A 282 -7.17 -20.65 2.72
C VAL A 282 -6.79 -21.16 1.32
N GLY A 283 -6.22 -22.36 1.24
CA GLY A 283 -5.73 -22.92 -0.02
C GLY A 283 -6.73 -22.95 -1.18
N PRO A 284 -7.86 -23.65 -1.01
CA PRO A 284 -8.87 -23.74 -2.06
C PRO A 284 -9.37 -22.36 -2.50
N MET A 285 -9.44 -21.41 -1.57
CA MET A 285 -9.94 -20.07 -1.88
C MET A 285 -8.91 -19.19 -2.58
N THR A 286 -7.63 -19.52 -2.42
CA THR A 286 -6.58 -18.89 -3.23
C THR A 286 -6.87 -19.21 -4.69
N ILE A 287 -7.11 -20.49 -4.97
CA ILE A 287 -7.33 -20.97 -6.33
C ILE A 287 -8.63 -20.41 -6.89
N THR A 288 -9.70 -20.45 -6.09
CA THR A 288 -11.01 -19.95 -6.51
C THR A 288 -10.96 -18.46 -6.84
N THR A 289 -10.26 -17.68 -6.04
CA THR A 289 -10.14 -16.25 -6.27
C THR A 289 -9.46 -15.94 -7.60
N LEU A 290 -8.37 -16.63 -7.88
CA LEU A 290 -7.66 -16.50 -9.16
C LEU A 290 -8.60 -16.82 -10.32
N ILE A 291 -9.33 -17.91 -10.20
CA ILE A 291 -10.24 -18.35 -11.25
C ILE A 291 -11.40 -17.35 -11.44
N ARG A 292 -12.00 -16.89 -10.35
CA ARG A 292 -13.09 -15.91 -10.44
C ARG A 292 -12.62 -14.67 -11.19
N GLN A 293 -11.44 -14.17 -10.82
CA GLN A 293 -10.93 -12.93 -11.41
C GLN A 293 -10.53 -13.13 -12.89
N THR A 294 -10.16 -14.35 -13.26
CA THR A 294 -9.95 -14.69 -14.66
C THR A 294 -11.29 -14.65 -15.41
N VAL A 295 -12.34 -15.22 -14.81
CA VAL A 295 -13.68 -15.17 -15.41
C VAL A 295 -14.07 -13.71 -15.64
N GLU A 296 -13.87 -12.88 -14.62
CA GLU A 296 -14.12 -11.44 -14.74
C GLU A 296 -13.37 -10.82 -15.91
N ALA A 297 -12.06 -11.10 -16.01
CA ALA A 297 -11.24 -10.55 -17.11
C ALA A 297 -11.76 -10.99 -18.48
N ALA A 298 -12.13 -12.26 -18.61
CA ALA A 298 -12.61 -12.80 -19.87
C ALA A 298 -13.92 -12.15 -20.29
N GLU A 299 -14.82 -11.98 -19.33
CA GLU A 299 -16.10 -11.34 -19.57
C GLU A 299 -15.88 -9.93 -20.12
N LYS A 300 -14.98 -9.18 -19.50
CA LYS A 300 -14.64 -7.84 -19.93
C LYS A 300 -14.00 -7.84 -21.32
N ALA A 301 -13.09 -8.79 -21.57
CA ALA A 301 -12.37 -8.85 -22.83
C ALA A 301 -13.25 -9.29 -24.00
N LEU A 302 -14.08 -10.32 -23.77
CA LEU A 302 -14.87 -10.94 -24.83
C LEU A 302 -16.31 -10.45 -24.88
N GLY A 303 -16.88 -10.15 -23.72
CA GLY A 303 -18.29 -9.77 -23.62
C GLY A 303 -18.51 -8.31 -23.98
N MET B 22 14.73 17.09 28.99
CA MET B 22 13.66 17.46 28.03
C MET B 22 13.85 16.76 26.69
N ALA B 23 12.77 16.69 25.92
CA ALA B 23 12.77 15.97 24.65
C ALA B 23 13.59 16.67 23.58
N LEU B 24 14.11 15.90 22.63
CA LEU B 24 14.77 16.45 21.45
C LEU B 24 13.75 17.12 20.53
N VAL B 25 13.98 18.38 20.18
CA VAL B 25 13.13 19.05 19.21
C VAL B 25 13.55 18.61 17.80
N LEU B 26 12.64 17.93 17.11
CA LEU B 26 12.88 17.54 15.72
C LEU B 26 12.63 18.76 14.84
N ASP B 27 13.70 19.46 14.49
CA ASP B 27 13.61 20.79 13.89
C ASP B 27 13.48 20.71 12.36
N GLY B 28 12.23 20.62 11.90
CA GLY B 28 11.96 20.53 10.47
C GLY B 28 12.29 21.81 9.71
N ARG B 29 12.17 22.95 10.38
CA ARG B 29 12.46 24.24 9.78
C ARG B 29 13.95 24.37 9.45
N ALA B 30 14.80 23.95 10.38
CA ALA B 30 16.25 23.98 10.17
C ALA B 30 16.65 22.99 9.08
N LEU B 31 16.10 21.77 9.14
CA LEU B 31 16.41 20.74 8.15
C LEU B 31 16.00 21.17 6.74
N ALA B 32 14.81 21.75 6.62
CA ALA B 32 14.32 22.27 5.32
C ALA B 32 15.28 23.31 4.73
N LYS B 33 15.70 24.27 5.55
CA LYS B 33 16.66 25.31 5.11
C LYS B 33 17.96 24.69 4.63
N GLN B 34 18.47 23.74 5.41
CA GLN B 34 19.70 23.03 5.06
C GLN B 34 19.59 22.34 3.70
N ILE B 35 18.49 21.62 3.50
CA ILE B 35 18.26 20.91 2.24
C ILE B 35 18.18 21.89 1.07
N GLU B 36 17.48 23.01 1.28
CA GLU B 36 17.32 24.01 0.21
C GLU B 36 18.64 24.64 -0.24
N GLU B 37 19.63 24.72 0.64
CA GLU B 37 20.93 25.27 0.25
C GLU B 37 21.59 24.37 -0.80
N ASN B 38 21.48 23.07 -0.59
CA ASN B 38 21.98 22.10 -1.56
C ASN B 38 21.16 22.09 -2.86
N LEU B 39 19.84 22.17 -2.75
CA LEU B 39 18.97 22.21 -3.93
C LEU B 39 19.31 23.43 -4.80
N LEU B 40 19.55 24.57 -4.15
CA LEU B 40 19.90 25.79 -4.88
C LEU B 40 21.12 25.60 -5.78
N VAL B 41 22.22 25.10 -5.23
CA VAL B 41 23.43 24.93 -6.03
C VAL B 41 23.21 23.92 -7.17
N ARG B 42 22.42 22.88 -6.91
CA ARG B 42 22.11 21.88 -7.94
C ARG B 42 21.27 22.48 -9.06
N VAL B 43 20.25 23.26 -8.70
CA VAL B 43 19.42 23.94 -9.71
C VAL B 43 20.28 24.91 -10.54
N GLU B 44 21.09 25.72 -9.88
CA GLU B 44 21.98 26.67 -10.56
CA GLU B 44 21.94 26.67 -10.59
C GLU B 44 22.93 25.97 -11.52
N ALA B 45 23.46 24.83 -11.10
CA ALA B 45 24.34 24.03 -11.97
C ALA B 45 23.56 23.52 -13.18
N LEU B 46 22.34 23.04 -12.94
CA LEU B 46 21.48 22.53 -14.02
C LEU B 46 21.15 23.62 -15.05
N LYS B 47 20.79 24.81 -14.55
CA LYS B 47 20.48 25.94 -15.43
C LYS B 47 21.71 26.38 -16.21
N ALA B 48 22.88 26.34 -15.58
CA ALA B 48 24.14 26.71 -16.22
C ALA B 48 24.50 25.74 -17.35
N LYS B 49 24.20 24.46 -17.15
CA LYS B 49 24.54 23.42 -18.12
C LYS B 49 23.55 23.40 -19.30
N THR B 50 22.27 23.56 -19.03
CA THR B 50 21.21 23.36 -20.02
C THR B 50 20.53 24.63 -20.51
N GLY B 51 20.65 25.71 -19.75
CA GLY B 51 19.98 26.97 -20.05
C GLY B 51 18.50 26.98 -19.70
N ARG B 52 18.00 25.91 -19.08
CA ARG B 52 16.57 25.78 -18.76
C ARG B 52 16.32 25.73 -17.26
N THR B 53 15.19 26.31 -16.85
CA THR B 53 14.80 26.34 -15.44
C THR B 53 13.84 25.21 -15.15
N PRO B 54 14.09 24.45 -14.07
CA PRO B 54 13.10 23.46 -13.64
C PRO B 54 11.76 24.09 -13.29
N ILE B 55 10.67 23.41 -13.66
CA ILE B 55 9.33 23.92 -13.42
C ILE B 55 8.44 22.92 -12.69
N LEU B 56 7.83 23.39 -11.60
CA LEU B 56 6.76 22.69 -10.93
C LEU B 56 5.45 23.32 -11.36
N ALA B 57 4.54 22.52 -11.91
CA ALA B 57 3.19 23.01 -12.20
C ALA B 57 2.36 22.79 -10.93
N THR B 58 1.78 23.86 -10.42
CA THR B 58 0.91 23.77 -9.25
C THR B 58 -0.52 23.98 -9.73
N ILE B 59 -1.39 23.03 -9.37
CA ILE B 59 -2.80 23.14 -9.75
C ILE B 59 -3.64 23.40 -8.50
N LEU B 60 -4.30 24.55 -8.51
CA LEU B 60 -5.18 24.97 -7.42
C LEU B 60 -6.58 25.10 -7.99
N VAL B 61 -7.50 24.26 -7.50
CA VAL B 61 -8.88 24.22 -7.99
C VAL B 61 -9.82 24.78 -6.92
N GLY B 62 -10.49 25.88 -7.22
CA GLY B 62 -11.42 26.50 -6.28
C GLY B 62 -10.75 27.50 -5.38
N ASP B 63 -11.44 27.89 -4.31
CA ASP B 63 -11.04 29.04 -3.50
C ASP B 63 -10.78 28.70 -2.01
N ASP B 64 -10.41 27.45 -1.72
CA ASP B 64 -10.08 27.07 -0.35
C ASP B 64 -8.84 27.86 0.12
N GLY B 65 -8.98 28.53 1.26
CA GLY B 65 -7.95 29.45 1.74
C GLY B 65 -6.63 28.77 2.11
N ALA B 66 -6.71 27.68 2.87
CA ALA B 66 -5.51 26.93 3.26
C ALA B 66 -4.78 26.41 2.02
N SER B 67 -5.53 25.88 1.06
CA SER B 67 -4.96 25.42 -0.22
C SER B 67 -4.21 26.55 -0.95
N ALA B 68 -4.82 27.72 -1.02
CA ALA B 68 -4.18 28.88 -1.65
C ALA B 68 -2.85 29.21 -0.95
N THR B 69 -2.87 29.18 0.38
CA THR B 69 -1.71 29.51 1.20
C THR B 69 -0.55 28.54 0.97
N TYR B 70 -0.85 27.24 1.01
CA TYR B 70 0.16 26.21 0.85
C TYR B 70 0.73 26.19 -0.58
N VAL B 71 -0.11 26.42 -1.58
CA VAL B 71 0.39 26.52 -2.96
C VAL B 71 1.32 27.73 -3.10
N ARG B 72 0.97 28.85 -2.47
CA ARG B 72 1.84 30.03 -2.47
C ARG B 72 3.18 29.72 -1.81
N MET B 73 3.14 29.04 -0.67
CA MET B 73 4.35 28.65 0.05
C MET B 73 5.22 27.71 -0.80
N LYS B 74 4.58 26.81 -1.53
CA LYS B 74 5.29 25.88 -2.40
C LYS B 74 5.94 26.58 -3.58
N GLY B 75 5.25 27.54 -4.18
CA GLY B 75 5.84 28.40 -5.21
C GLY B 75 7.00 29.23 -4.71
N ASN B 76 6.88 29.77 -3.51
CA ASN B 76 7.97 30.51 -2.88
C ASN B 76 9.20 29.61 -2.69
N ALA B 77 8.98 28.39 -2.24
CA ALA B 77 10.07 27.43 -2.06
C ALA B 77 10.75 27.11 -3.39
N CYS B 78 9.98 26.97 -4.47
CA CYS B 78 10.55 26.76 -5.81
C CYS B 78 11.56 27.85 -6.15
N ARG B 79 11.15 29.09 -5.94
CA ARG B 79 12.00 30.22 -6.31
C ARG B 79 13.19 30.42 -5.37
N ARG B 80 13.04 30.06 -4.10
CA ARG B 80 14.19 30.04 -3.17
C ARG B 80 15.35 29.15 -3.65
N VAL B 81 15.02 28.03 -4.30
CA VAL B 81 16.06 27.10 -4.77
C VAL B 81 16.37 27.28 -6.27
N GLY B 82 15.92 28.40 -6.84
CA GLY B 82 16.27 28.77 -8.20
C GLY B 82 15.39 28.21 -9.30
N MET B 83 14.29 27.56 -8.93
CA MET B 83 13.32 27.04 -9.89
C MET B 83 12.17 28.04 -10.03
N ASP B 84 11.15 27.67 -10.79
CA ASP B 84 9.92 28.45 -10.81
C ASP B 84 8.72 27.53 -10.84
N SER B 85 7.54 28.11 -10.68
CA SER B 85 6.31 27.36 -10.76
C SER B 85 5.46 27.88 -11.92
N LEU B 86 4.72 26.96 -12.53
CA LEU B 86 3.68 27.31 -13.47
C LEU B 86 2.37 27.22 -12.68
N LYS B 87 1.79 28.38 -12.37
CA LYS B 87 0.61 28.44 -11.51
C LYS B 87 -0.65 28.24 -12.34
N ILE B 88 -1.31 27.10 -12.14
CA ILE B 88 -2.58 26.79 -12.79
C ILE B 88 -3.70 26.99 -11.76
N GLU B 89 -4.58 27.94 -12.04
CA GLU B 89 -5.71 28.23 -11.15
C GLU B 89 -7.03 28.00 -11.87
N LEU B 90 -7.79 27.00 -11.41
CA LEU B 90 -9.04 26.61 -12.05
C LEU B 90 -10.23 26.94 -11.16
N PRO B 91 -11.40 27.19 -11.77
CA PRO B 91 -12.53 27.61 -10.96
C PRO B 91 -13.16 26.51 -10.12
N GLN B 92 -13.97 26.93 -9.16
CA GLN B 92 -14.76 26.06 -8.28
C GLN B 92 -15.51 24.94 -9.01
N GLU B 93 -16.13 25.29 -10.13
CA GLU B 93 -17.03 24.40 -10.85
C GLU B 93 -16.33 23.44 -11.81
N THR B 94 -14.99 23.45 -11.83
CA THR B 94 -14.22 22.56 -12.69
C THR B 94 -14.72 21.11 -12.59
N THR B 95 -14.81 20.43 -13.72
CA THR B 95 -15.24 19.03 -13.75
C THR B 95 -14.03 18.11 -13.74
N THR B 96 -14.24 16.85 -13.39
CA THR B 96 -13.20 15.83 -13.46
C THR B 96 -12.56 15.83 -14.85
N GLU B 97 -13.39 15.89 -15.89
CA GLU B 97 -12.91 15.84 -17.28
C GLU B 97 -12.02 17.03 -17.59
N GLN B 98 -12.43 18.22 -17.16
CA GLN B 98 -11.63 19.41 -17.38
C GLN B 98 -10.28 19.33 -16.65
N LEU B 99 -10.28 18.84 -15.43
CA LEU B 99 -9.05 18.72 -14.66
C LEU B 99 -8.13 17.65 -15.27
N LEU B 100 -8.70 16.53 -15.70
CA LEU B 100 -7.94 15.49 -16.40
C LEU B 100 -7.26 16.06 -17.65
N ALA B 101 -8.00 16.85 -18.43
CA ALA B 101 -7.46 17.49 -19.63
C ALA B 101 -6.29 18.41 -19.31
N GLU B 102 -6.42 19.21 -18.25
CA GLU B 102 -5.33 20.10 -17.81
C GLU B 102 -4.07 19.31 -17.44
N ILE B 103 -4.25 18.22 -16.69
CA ILE B 103 -3.15 17.38 -16.26
C ILE B 103 -2.44 16.71 -17.46
N GLU B 104 -3.22 16.28 -18.45
CA GLU B 104 -2.64 15.66 -19.64
C GLU B 104 -1.83 16.66 -20.46
N LYS B 105 -2.27 17.92 -20.51
CA LYS B 105 -1.47 18.97 -21.14
C LYS B 105 -0.11 19.12 -20.43
N LEU B 106 -0.13 19.15 -19.10
CA LEU B 106 1.10 19.24 -18.30
C LEU B 106 2.00 18.02 -18.47
N ASN B 107 1.39 16.84 -18.54
CA ASN B 107 2.15 15.61 -18.79
C ASN B 107 2.92 15.70 -20.11
N ALA B 108 2.29 16.27 -21.13
CA ALA B 108 2.87 16.34 -22.48
C ALA B 108 3.85 17.49 -22.67
N ASN B 109 3.85 18.43 -21.73
CA ASN B 109 4.72 19.61 -21.82
C ASN B 109 6.13 19.28 -21.29
N PRO B 110 7.12 19.18 -22.19
CA PRO B 110 8.45 18.78 -21.73
C PRO B 110 9.13 19.80 -20.80
N ASP B 111 8.64 21.03 -20.77
CA ASP B 111 9.21 22.06 -19.90
C ASP B 111 8.70 21.97 -18.46
N VAL B 112 7.64 21.19 -18.24
CA VAL B 112 7.11 20.95 -16.89
C VAL B 112 7.69 19.63 -16.35
N HIS B 113 8.38 19.70 -15.21
CA HIS B 113 9.05 18.52 -14.65
C HIS B 113 8.30 17.84 -13.55
N GLY B 114 7.46 18.59 -12.85
CA GLY B 114 6.62 18.03 -11.79
C GLY B 114 5.25 18.65 -11.80
N ILE B 115 4.26 17.90 -11.33
CA ILE B 115 2.88 18.36 -11.26
C ILE B 115 2.33 18.14 -9.85
N LEU B 116 1.89 19.24 -9.23
CA LEU B 116 1.20 19.20 -7.94
C LEU B 116 -0.28 19.49 -8.16
N LEU B 117 -1.14 18.59 -7.67
CA LEU B 117 -2.56 18.88 -7.54
C LEU B 117 -2.86 19.04 -6.05
N GLN B 118 -3.13 20.26 -5.63
CA GLN B 118 -3.36 20.54 -4.22
C GLN B 118 -4.70 19.98 -3.77
N HIS B 119 -4.66 19.15 -2.73
CA HIS B 119 -5.84 18.51 -2.15
C HIS B 119 -6.33 19.39 -1.02
N PRO B 120 -7.66 19.45 -0.78
CA PRO B 120 -8.74 18.74 -1.47
C PRO B 120 -9.37 19.56 -2.59
N VAL B 121 -9.50 18.96 -3.77
CA VAL B 121 -10.21 19.60 -4.88
C VAL B 121 -11.70 19.67 -4.55
N PRO B 122 -12.46 20.55 -5.24
CA PRO B 122 -13.91 20.55 -5.05
C PRO B 122 -14.52 19.15 -5.16
N ALA B 123 -15.51 18.88 -4.32
CA ALA B 123 -15.99 17.51 -4.08
C ALA B 123 -16.67 16.84 -5.28
N GLN B 124 -17.09 17.61 -6.27
CA GLN B 124 -17.70 17.05 -7.49
C GLN B 124 -16.64 16.41 -8.40
N ILE B 125 -15.36 16.70 -8.13
CA ILE B 125 -14.25 16.15 -8.88
C ILE B 125 -13.80 14.81 -8.28
N ASP B 126 -13.54 13.82 -9.15
CA ASP B 126 -12.92 12.56 -8.74
C ASP B 126 -11.42 12.80 -8.53
N GLU B 127 -11.06 13.13 -7.29
CA GLU B 127 -9.68 13.49 -6.98
C GLU B 127 -8.71 12.35 -7.25
N ARG B 128 -9.12 11.13 -6.88
CA ARG B 128 -8.30 9.95 -7.13
C ARG B 128 -7.99 9.78 -8.62
N ALA B 129 -9.01 9.86 -9.46
CA ALA B 129 -8.80 9.75 -10.92
C ALA B 129 -7.82 10.80 -11.43
N CYS B 130 -7.88 12.00 -10.88
CA CYS B 130 -7.00 13.10 -11.32
C CYS B 130 -5.57 12.93 -10.79
N PHE B 131 -5.43 12.53 -9.53
CA PHE B 131 -4.12 12.15 -9.00
C PHE B 131 -3.44 11.13 -9.91
N ASP B 132 -4.20 10.10 -10.30
CA ASP B 132 -3.67 8.98 -11.06
C ASP B 132 -3.37 9.34 -12.53
N ALA B 133 -3.93 10.44 -13.03
CA ALA B 133 -3.62 10.93 -14.38
C ALA B 133 -2.22 11.53 -14.50
N ILE B 134 -1.64 11.94 -13.37
CA ILE B 134 -0.29 12.53 -13.37
C ILE B 134 0.73 11.44 -13.73
N SER B 135 1.60 11.70 -14.70
CA SER B 135 2.63 10.74 -15.11
CA SER B 135 2.59 10.72 -15.10
C SER B 135 3.53 10.44 -13.93
N LEU B 136 3.94 9.17 -13.80
CA LEU B 136 4.80 8.76 -12.69
C LEU B 136 6.05 9.63 -12.61
N ALA B 137 6.64 9.96 -13.77
CA ALA B 137 7.84 10.78 -13.84
C ALA B 137 7.66 12.21 -13.30
N LYS B 138 6.43 12.69 -13.31
CA LYS B 138 6.12 14.05 -12.83
C LYS B 138 5.35 14.02 -11.50
N ASP B 139 5.18 12.82 -10.92
CA ASP B 139 4.43 12.65 -9.66
C ASP B 139 5.32 13.02 -8.47
N VAL B 140 5.77 14.27 -8.46
CA VAL B 140 6.76 14.72 -7.49
C VAL B 140 6.18 14.93 -6.09
N ASP B 141 4.85 14.97 -6.00
CA ASP B 141 4.18 15.02 -4.70
C ASP B 141 3.77 13.62 -4.20
N GLY B 142 3.96 12.60 -5.04
CA GLY B 142 3.73 11.20 -4.65
C GLY B 142 2.29 10.83 -4.38
N VAL B 143 1.38 11.23 -5.28
CA VAL B 143 -0.05 11.01 -5.11
C VAL B 143 -0.64 9.87 -5.96
N THR B 144 0.13 9.28 -6.88
CA THR B 144 -0.42 8.25 -7.75
C THR B 144 -0.54 6.92 -7.02
N CYS B 145 -1.55 6.13 -7.40
CA CYS B 145 -1.64 4.75 -6.93
C CYS B 145 -0.39 3.98 -7.28
N LEU B 146 0.08 4.16 -8.52
CA LEU B 146 1.28 3.48 -8.98
C LEU B 146 2.48 3.80 -8.10
N GLY B 147 2.67 5.09 -7.81
CA GLY B 147 3.77 5.53 -6.97
C GLY B 147 3.69 4.98 -5.55
N PHE B 148 2.48 4.93 -5.01
CA PHE B 148 2.26 4.37 -3.69
C PHE B 148 2.60 2.89 -3.68
N GLY B 149 2.09 2.17 -4.67
CA GLY B 149 2.33 0.74 -4.79
C GLY B 149 3.81 0.43 -4.91
N ARG B 150 4.51 1.18 -5.75
CA ARG B 150 5.93 0.95 -5.98
C ARG B 150 6.72 1.19 -4.68
N MET B 151 6.45 2.29 -4.02
CA MET B 151 7.08 2.62 -2.73
C MET B 151 6.82 1.52 -1.71
N ALA B 152 5.58 1.06 -1.64
CA ALA B 152 5.21 0.01 -0.69
C ALA B 152 5.97 -1.30 -0.95
N MET B 153 6.31 -1.55 -2.22
CA MET B 153 7.00 -2.77 -2.59
C MET B 153 8.52 -2.58 -2.76
N GLY B 154 9.02 -1.41 -2.39
CA GLY B 154 10.47 -1.16 -2.37
C GLY B 154 11.08 -0.68 -3.67
N GLU B 155 10.23 -0.38 -4.66
CA GLU B 155 10.68 0.12 -5.95
C GLU B 155 10.76 1.65 -5.96
N ALA B 156 11.60 2.18 -6.86
CA ALA B 156 11.83 3.61 -6.95
C ALA B 156 10.56 4.37 -7.34
N ALA B 157 10.26 5.41 -6.58
CA ALA B 157 9.15 6.33 -6.88
C ALA B 157 9.22 7.52 -5.94
N TYR B 158 8.73 8.67 -6.38
CA TYR B 158 8.63 9.83 -5.50
C TYR B 158 7.59 9.52 -4.42
N GLY B 159 7.92 9.84 -3.18
CA GLY B 159 7.07 9.52 -2.04
C GLY B 159 6.14 10.67 -1.75
N SER B 160 4.97 10.37 -1.19
CA SER B 160 4.03 11.44 -0.81
C SER B 160 4.77 12.42 0.09
N ALA B 161 4.60 13.71 -0.19
CA ALA B 161 5.46 14.76 0.36
C ALA B 161 5.57 14.76 1.90
N THR B 162 4.44 14.80 2.59
CA THR B 162 4.47 14.89 4.05
C THR B 162 5.07 13.67 4.75
N PRO B 163 4.59 12.46 4.45
CA PRO B 163 5.20 11.29 5.09
C PRO B 163 6.67 11.08 4.71
N ALA B 164 7.04 11.38 3.47
CA ALA B 164 8.45 11.30 3.06
C ALA B 164 9.30 12.32 3.84
N GLY B 165 8.75 13.51 4.06
CA GLY B 165 9.40 14.54 4.86
C GLY B 165 9.58 14.09 6.31
N ILE B 166 8.57 13.39 6.83
CA ILE B 166 8.65 12.82 8.17
C ILE B 166 9.77 11.81 8.28
N MET B 167 9.87 10.88 7.31
CA MET B 167 10.94 9.88 7.31
C MET B 167 12.32 10.54 7.32
N THR B 168 12.48 11.59 6.54
CA THR B 168 13.72 12.37 6.50
C THR B 168 14.04 13.00 7.86
N ILE B 169 13.04 13.61 8.49
CA ILE B 169 13.21 14.19 9.84
C ILE B 169 13.75 13.14 10.81
N LEU B 170 13.12 11.97 10.81
CA LEU B 170 13.50 10.89 11.71
C LEU B 170 14.91 10.38 11.41
N LYS B 171 15.20 10.17 10.13
CA LYS B 171 16.53 9.68 9.70
C LYS B 171 17.64 10.65 10.07
N GLU B 172 17.46 11.91 9.72
CA GLU B 172 18.50 12.92 9.93
C GLU B 172 18.61 13.38 11.39
N ASN B 173 17.69 12.92 12.24
CA ASN B 173 17.82 13.08 13.68
C ASN B 173 18.21 11.76 14.39
N ASN B 174 18.63 10.78 13.59
CA ASN B 174 19.10 9.49 14.11
C ASN B 174 18.08 8.78 15.01
N ILE B 175 16.80 8.90 14.67
CA ILE B 175 15.74 8.26 15.42
C ILE B 175 15.64 6.79 15.01
N GLU B 176 15.75 5.90 16.00
CA GLU B 176 15.66 4.47 15.76
C GLU B 176 14.23 4.09 15.34
N ILE B 177 14.13 3.37 14.22
CA ILE B 177 12.84 2.96 13.66
C ILE B 177 12.72 1.43 13.60
N ALA B 178 13.76 0.76 13.14
CA ALA B 178 13.74 -0.70 13.01
C ALA B 178 13.40 -1.37 14.34
N GLY B 179 12.39 -2.24 14.34
CA GLY B 179 11.98 -2.96 15.55
C GLY B 179 11.12 -2.18 16.53
N LYS B 180 10.88 -0.90 16.24
CA LYS B 180 10.00 -0.08 17.08
C LYS B 180 8.55 -0.24 16.65
N HIS B 181 7.62 -0.03 17.58
CA HIS B 181 6.20 -0.07 17.27
C HIS B 181 5.73 1.32 16.93
N ALA B 182 5.45 1.54 15.64
CA ALA B 182 4.95 2.82 15.16
C ALA B 182 3.44 2.73 15.03
N VAL B 183 2.73 3.71 15.59
CA VAL B 183 1.28 3.78 15.48
C VAL B 183 0.94 5.02 14.68
N VAL B 184 0.30 4.81 13.52
CA VAL B 184 -0.17 5.90 12.69
C VAL B 184 -1.67 6.09 12.91
N VAL B 185 -2.06 7.26 13.42
CA VAL B 185 -3.46 7.58 13.63
C VAL B 185 -3.97 8.41 12.46
N GLY B 186 -4.76 7.76 11.61
CA GLY B 186 -5.22 8.33 10.33
C GLY B 186 -4.72 7.46 9.19
N ARG B 187 -5.54 7.30 8.17
CA ARG B 187 -5.23 6.41 7.05
C ARG B 187 -5.52 7.05 5.69
N SER B 188 -5.40 8.37 5.61
CA SER B 188 -5.68 9.08 4.37
C SER B 188 -4.75 8.62 3.24
N ALA B 189 -5.25 8.77 2.01
CA ALA B 189 -4.51 8.41 0.80
C ALA B 189 -3.14 9.08 0.69
N ILE B 190 -3.04 10.36 1.03
CA ILE B 190 -1.77 11.07 0.83
C ILE B 190 -0.92 11.22 2.10
N LEU B 191 -1.47 10.80 3.25
CA LEU B 191 -0.73 10.94 4.51
C LEU B 191 -0.62 9.60 5.25
N GLY B 192 -1.71 9.16 5.87
CA GLY B 192 -1.67 8.04 6.78
C GLY B 192 -1.16 6.74 6.16
N LYS B 193 -1.76 6.38 5.02
CA LYS B 193 -1.40 5.15 4.34
C LYS B 193 0.06 5.12 3.87
N PRO B 194 0.52 6.18 3.18
CA PRO B 194 1.94 6.16 2.80
C PRO B 194 2.88 6.19 4.00
N MET B 195 2.51 6.97 5.03
CA MET B 195 3.28 7.01 6.27
C MET B 195 3.50 5.61 6.83
N ALA B 196 2.43 4.81 6.87
CA ALA B 196 2.50 3.47 7.42
C ALA B 196 3.41 2.57 6.58
N MET B 197 3.25 2.61 5.26
CA MET B 197 4.08 1.81 4.37
C MET B 197 5.55 2.23 4.40
N MET B 198 5.83 3.52 4.57
CA MET B 198 7.21 4.01 4.70
C MET B 198 7.86 3.55 6.02
N LEU B 199 7.10 3.62 7.11
CA LEU B 199 7.57 3.13 8.40
C LEU B 199 7.81 1.61 8.37
N LEU B 200 6.90 0.88 7.71
CA LEU B 200 7.06 -0.57 7.53
C LEU B 200 8.31 -0.90 6.73
N GLN B 201 8.53 -0.19 5.62
CA GLN B 201 9.76 -0.33 4.84
C GLN B 201 11.03 -0.07 5.68
N ALA B 202 10.91 0.79 6.70
CA ALA B 202 12.01 1.02 7.64
C ALA B 202 12.03 0.04 8.82
N ASN B 203 11.28 -1.05 8.70
CA ASN B 203 11.30 -2.16 9.67
C ASN B 203 10.69 -1.85 11.05
N ALA B 204 9.82 -0.84 11.12
CA ALA B 204 8.99 -0.66 12.29
C ALA B 204 7.86 -1.69 12.22
N THR B 205 7.40 -2.12 13.39
CA THR B 205 6.10 -2.77 13.50
C THR B 205 5.09 -1.64 13.38
N VAL B 206 4.05 -1.81 12.57
CA VAL B 206 3.17 -0.68 12.26
C VAL B 206 1.71 -1.02 12.53
N THR B 207 1.05 -0.15 13.30
CA THR B 207 -0.38 -0.22 13.54
C THR B 207 -1.04 0.99 12.90
N ILE B 208 -2.06 0.74 12.09
CA ILE B 208 -2.82 1.82 11.44
C ILE B 208 -4.18 1.96 12.09
N CYS B 209 -4.45 3.14 12.65
CA CYS B 209 -5.71 3.44 13.31
C CYS B 209 -6.53 4.44 12.50
N HIS B 210 -7.81 4.54 12.83
CA HIS B 210 -8.75 5.42 12.11
C HIS B 210 -9.99 5.64 12.93
N SER B 211 -11.03 6.25 12.34
CA SER B 211 -12.24 6.62 13.10
C SER B 211 -13.06 5.44 13.64
N ARG B 212 -12.86 4.24 13.08
CA ARG B 212 -13.56 3.05 13.57
C ARG B 212 -12.72 2.25 14.58
N THR B 213 -11.55 2.76 14.95
CA THR B 213 -10.65 2.08 15.87
C THR B 213 -11.19 2.10 17.31
N GLN B 214 -11.20 0.94 17.95
CA GLN B 214 -11.63 0.80 19.35
C GLN B 214 -10.39 0.71 20.24
N ASN B 215 -10.51 1.24 21.47
CA ASN B 215 -9.38 1.31 22.41
C ASN B 215 -8.18 2.09 21.85
N LEU B 216 -8.47 3.18 21.17
CA LEU B 216 -7.42 4.02 20.59
C LEU B 216 -6.40 4.51 21.63
N PRO B 217 -6.89 4.97 22.81
CA PRO B 217 -5.93 5.44 23.81
C PRO B 217 -4.93 4.35 24.23
N GLU B 218 -5.40 3.11 24.31
CA GLU B 218 -4.54 1.99 24.68
C GLU B 218 -3.54 1.66 23.56
N LEU B 219 -3.98 1.69 22.31
CA LEU B 219 -3.09 1.44 21.17
C LEU B 219 -1.99 2.50 21.07
N VAL B 220 -2.36 3.77 21.28
CA VAL B 220 -1.40 4.86 21.25
C VAL B 220 -0.38 4.74 22.40
N LYS B 221 -0.86 4.33 23.57
CA LYS B 221 0.00 4.12 24.73
C LYS B 221 1.08 3.07 24.50
N GLN B 222 0.81 2.11 23.61
CA GLN B 222 1.78 1.07 23.26
C GLN B 222 2.83 1.55 22.26
N ALA B 223 2.63 2.74 21.69
CA ALA B 223 3.44 3.21 20.56
C ALA B 223 4.81 3.76 20.99
N ASP B 224 5.86 3.31 20.30
CA ASP B 224 7.21 3.86 20.44
C ASP B 224 7.38 5.09 19.55
N ILE B 225 6.69 5.08 18.41
CA ILE B 225 6.61 6.22 17.51
C ILE B 225 5.13 6.47 17.22
N ILE B 226 4.65 7.68 17.52
CA ILE B 226 3.27 8.03 17.25
CA ILE B 226 3.27 8.07 17.26
C ILE B 226 3.25 9.09 16.14
N VAL B 227 2.38 8.86 15.15
CA VAL B 227 2.17 9.81 14.07
C VAL B 227 0.72 10.24 14.05
N GLY B 228 0.49 11.52 14.34
CA GLY B 228 -0.84 12.09 14.34
C GLY B 228 -1.17 12.62 12.95
N ALA B 229 -2.17 12.02 12.32
CA ALA B 229 -2.58 12.37 10.96
C ALA B 229 -4.11 12.30 10.84
N VAL B 230 -4.80 12.94 11.77
CA VAL B 230 -6.26 12.89 11.81
C VAL B 230 -6.95 14.18 11.36
N GLY B 231 -6.20 15.28 11.23
CA GLY B 231 -6.78 16.56 10.87
C GLY B 231 -7.84 17.05 11.84
N LYS B 232 -7.62 16.81 13.13
CA LYS B 232 -8.50 17.30 14.20
C LYS B 232 -7.66 17.81 15.37
N ALA B 233 -7.91 19.06 15.76
CA ALA B 233 -7.09 19.77 16.74
C ALA B 233 -6.91 19.00 18.06
N GLU B 234 -5.66 18.65 18.36
CA GLU B 234 -5.29 18.01 19.62
C GLU B 234 -6.14 16.79 20.00
N LEU B 235 -6.52 15.97 19.03
CA LEU B 235 -7.32 14.79 19.31
C LEU B 235 -6.52 13.79 20.15
N ILE B 236 -5.27 13.56 19.77
CA ILE B 236 -4.40 12.62 20.48
C ILE B 236 -3.98 13.26 21.81
N GLN B 237 -4.45 12.66 22.91
CA GLN B 237 -4.27 13.23 24.24
C GLN B 237 -2.88 12.94 24.78
N LYS B 238 -2.32 13.89 25.53
CA LYS B 238 -0.95 13.74 26.06
C LYS B 238 -0.79 12.57 27.02
N ASP B 239 -1.83 12.23 27.79
CA ASP B 239 -1.74 11.07 28.69
C ASP B 239 -1.87 9.70 27.97
N TRP B 240 -2.16 9.73 26.67
CA TRP B 240 -2.11 8.51 25.86
C TRP B 240 -0.71 8.19 25.42
N ILE B 241 0.23 9.12 25.59
CA ILE B 241 1.56 8.96 25.03
C ILE B 241 2.48 8.18 25.97
N LYS B 242 3.19 7.21 25.41
CA LYS B 242 4.15 6.40 26.15
C LYS B 242 5.34 7.26 26.56
N GLN B 243 5.74 7.17 27.82
CA GLN B 243 6.91 7.91 28.30
C GLN B 243 8.11 7.47 27.46
N GLY B 244 8.81 8.44 26.88
CA GLY B 244 9.96 8.16 26.01
C GLY B 244 9.64 7.99 24.53
N ALA B 245 8.38 8.15 24.15
CA ALA B 245 7.96 7.97 22.76
C ALA B 245 8.52 9.07 21.86
N VAL B 246 8.64 8.75 20.57
CA VAL B 246 8.92 9.73 19.54
C VAL B 246 7.58 10.19 18.96
N VAL B 247 7.30 11.49 19.07
CA VAL B 247 5.98 12.04 18.76
C VAL B 247 6.02 12.90 17.50
N VAL B 248 5.32 12.46 16.46
CA VAL B 248 5.25 13.20 15.20
C VAL B 248 3.84 13.73 14.98
N ASP B 249 3.71 15.06 14.95
CA ASP B 249 2.41 15.73 14.76
C ASP B 249 2.32 16.34 13.36
N ALA B 250 1.50 15.73 12.50
CA ALA B 250 1.36 16.16 11.11
C ALA B 250 0.17 17.10 10.89
N GLY B 251 -0.45 17.58 11.96
CA GLY B 251 -1.61 18.46 11.85
C GLY B 251 -1.25 19.92 11.93
N PHE B 252 -2.10 20.78 11.36
CA PHE B 252 -2.02 22.21 11.63
C PHE B 252 -3.38 22.86 11.62
N HIS B 253 -3.68 23.59 12.69
CA HIS B 253 -4.96 24.25 12.87
C HIS B 253 -4.72 25.64 13.39
N PRO B 254 -4.94 26.66 12.53
CA PRO B 254 -4.65 28.03 12.95
C PRO B 254 -5.43 28.44 14.19
N ARG B 255 -4.75 29.06 15.15
CA ARG B 255 -5.38 29.59 16.35
C ARG B 255 -4.74 30.90 16.76
N ASP B 256 -5.55 31.77 17.37
CA ASP B 256 -5.05 33.03 17.90
C ASP B 256 -4.03 32.77 19.01
N GLY B 257 -2.83 33.30 18.84
CA GLY B 257 -1.74 33.07 19.79
C GLY B 257 -0.93 31.81 19.53
N GLY B 258 -1.04 31.27 18.32
CA GLY B 258 -0.24 30.11 17.90
C GLY B 258 -1.08 28.89 17.57
N GLY B 259 -0.87 28.35 16.38
CA GLY B 259 -1.62 27.19 15.91
C GLY B 259 -1.21 25.90 16.60
N VAL B 260 -2.10 24.91 16.56
CA VAL B 260 -1.84 23.61 17.17
C VAL B 260 -2.01 22.51 16.13
N GLY B 261 -1.47 21.33 16.43
CA GLY B 261 -1.59 20.17 15.54
C GLY B 261 -2.64 19.17 16.01
N ASP B 262 -2.48 17.92 15.57
CA ASP B 262 -3.38 16.83 15.93
C ASP B 262 -3.08 16.20 17.31
N ILE B 263 -2.03 16.66 17.99
CA ILE B 263 -1.61 16.08 19.26
C ILE B 263 -1.49 17.16 20.34
N GLN B 264 -1.94 16.85 21.56
CA GLN B 264 -1.69 17.73 22.69
C GLN B 264 -0.20 17.75 22.94
N LEU B 265 0.46 18.86 22.60
CA LEU B 265 1.90 19.01 22.77
C LEU B 265 2.29 19.89 23.94
N GLN B 266 1.29 20.39 24.68
CA GLN B 266 1.56 21.17 25.88
C GLN B 266 2.28 20.31 26.92
N GLY B 267 3.50 20.68 27.23
CA GLY B 267 4.33 19.91 28.16
C GLY B 267 4.85 18.60 27.59
N ILE B 268 4.98 18.50 26.27
CA ILE B 268 5.46 17.29 25.62
C ILE B 268 6.93 17.00 25.95
N GLU B 269 7.68 18.05 26.28
CA GLU B 269 9.10 17.91 26.62
CA GLU B 269 9.10 17.92 26.63
C GLU B 269 9.34 16.99 27.82
N GLU B 270 8.34 16.87 28.71
CA GLU B 270 8.44 16.01 29.89
C GLU B 270 8.14 14.54 29.57
N ILE B 271 7.54 14.28 28.40
CA ILE B 271 6.99 12.97 28.08
C ILE B 271 7.74 12.27 26.95
N ALA B 272 7.91 12.96 25.83
CA ALA B 272 8.52 12.38 24.64
C ALA B 272 10.05 12.33 24.76
N SER B 273 10.67 11.40 24.06
CA SER B 273 12.13 11.39 23.90
C SER B 273 12.51 12.39 22.80
N ALA B 274 11.61 12.55 21.83
CA ALA B 274 11.79 13.50 20.74
C ALA B 274 10.42 13.82 20.14
N TYR B 275 10.24 15.05 19.66
CA TYR B 275 8.95 15.47 19.11
C TYR B 275 9.11 16.54 18.04
N THR B 276 8.19 16.55 17.07
CA THR B 276 8.13 17.58 16.05
C THR B 276 7.28 18.75 16.58
N PRO B 277 7.85 19.97 16.62
CA PRO B 277 7.02 21.07 17.09
C PRO B 277 5.97 21.45 16.05
N VAL B 278 4.91 22.11 16.49
CA VAL B 278 3.93 22.70 15.59
C VAL B 278 3.72 24.16 16.01
N PRO B 279 3.98 25.11 15.10
CA PRO B 279 4.48 24.95 13.74
C PRO B 279 5.98 24.64 13.69
N GLY B 280 6.53 24.53 12.48
CA GLY B 280 7.98 24.43 12.28
C GLY B 280 8.58 23.04 12.34
N GLY B 281 7.74 22.02 12.20
CA GLY B 281 8.18 20.62 12.24
C GLY B 281 7.91 19.91 10.91
N VAL B 282 6.79 19.22 10.83
CA VAL B 282 6.41 18.47 9.63
C VAL B 282 6.15 19.39 8.43
N GLY B 283 5.57 20.56 8.68
CA GLY B 283 5.17 21.50 7.63
C GLY B 283 6.26 21.88 6.64
N PRO B 284 7.35 22.49 7.13
CA PRO B 284 8.48 22.87 6.28
C PRO B 284 9.05 21.70 5.48
N MET B 285 9.06 20.51 6.07
CA MET B 285 9.58 19.33 5.39
C MET B 285 8.61 18.75 4.36
N THR B 286 7.32 19.04 4.50
CA THR B 286 6.37 18.74 3.44
C THR B 286 6.75 19.52 2.20
N ILE B 287 6.91 20.83 2.36
CA ILE B 287 7.23 21.71 1.24
C ILE B 287 8.58 21.36 0.62
N THR B 288 9.61 21.17 1.45
CA THR B 288 10.95 20.91 0.94
C THR B 288 11.07 19.55 0.23
N THR B 289 10.31 18.56 0.70
CA THR B 289 10.30 17.24 0.04
C THR B 289 9.74 17.35 -1.38
N LEU B 290 8.66 18.12 -1.54
CA LEU B 290 8.07 18.32 -2.85
C LEU B 290 9.08 18.98 -3.78
N ILE B 291 9.72 20.04 -3.30
CA ILE B 291 10.72 20.76 -4.09
C ILE B 291 11.93 19.89 -4.42
N ARG B 292 12.42 19.13 -3.43
CA ARG B 292 13.57 18.23 -3.67
C ARG B 292 13.26 17.22 -4.77
N GLN B 293 12.08 16.63 -4.71
CA GLN B 293 11.68 15.61 -5.69
C GLN B 293 11.48 16.23 -7.09
N THR B 294 11.04 17.49 -7.12
CA THR B 294 10.97 18.25 -8.38
C THR B 294 12.38 18.50 -8.96
N VAL B 295 13.33 18.87 -8.10
CA VAL B 295 14.72 19.03 -8.54
C VAL B 295 15.26 17.71 -9.12
N GLU B 296 15.02 16.61 -8.41
CA GLU B 296 15.40 15.29 -8.90
C GLU B 296 14.78 14.98 -10.27
N ALA B 297 13.50 15.29 -10.43
CA ALA B 297 12.81 15.09 -11.70
C ALA B 297 13.46 15.93 -12.80
N ALA B 298 13.75 17.19 -12.49
CA ALA B 298 14.40 18.09 -13.45
C ALA B 298 15.80 17.61 -13.83
N GLU B 299 16.58 17.18 -12.83
CA GLU B 299 17.92 16.66 -13.07
C GLU B 299 17.90 15.46 -14.03
N LYS B 300 16.93 14.56 -13.84
CA LYS B 300 16.78 13.40 -14.70
C LYS B 300 16.35 13.81 -16.12
N ALA B 301 15.38 14.71 -16.20
CA ALA B 301 14.83 15.13 -17.50
C ALA B 301 15.81 15.95 -18.34
N LEU B 302 16.60 16.80 -17.68
CA LEU B 302 17.50 17.71 -18.38
C LEU B 302 18.93 17.17 -18.50
N GLY B 303 19.20 16.02 -17.88
CA GLY B 303 20.49 15.33 -18.03
C GLY B 303 20.44 14.36 -19.20
PA NAP C . 8.46 -14.40 2.47
O1A NAP C . 7.81 -14.23 1.12
O2A NAP C . 9.72 -13.63 2.81
O5B NAP C . 7.36 -14.06 3.61
C5B NAP C . 7.58 -14.38 4.97
C4B NAP C . 7.14 -13.24 5.88
O4B NAP C . 7.12 -13.73 7.21
C3B NAP C . 8.12 -12.07 5.86
O3B NAP C . 7.41 -10.82 5.89
C2B NAP C . 8.94 -12.27 7.13
O2B NAP C . 9.47 -11.08 7.70
C1B NAP C . 7.92 -12.90 8.05
N9A NAP C . 8.54 -13.62 9.20
C8A NAP C . 9.51 -14.64 8.87
N7A NAP C . 9.84 -15.05 10.22
C5A NAP C . 9.14 -14.34 11.14
C6A NAP C . 9.11 -14.39 12.53
N6A NAP C . 9.89 -15.25 13.22
N1A NAP C . 8.28 -13.54 13.19
C2A NAP C . 7.49 -12.68 12.54
N3A NAP C . 7.50 -12.62 11.19
C4A NAP C . 8.30 -13.44 10.49
O3 NAP C . 8.74 -15.97 2.71
PN NAP C . 10.21 -16.53 3.06
O1N NAP C . 10.56 -15.86 4.38
O2N NAP C . 9.99 -18.02 3.14
O5D NAP C . 11.08 -16.09 1.90
P2B NAP C . 10.46 -10.12 6.87
O1X NAP C . 9.55 -9.39 5.90
O2X NAP C . 11.41 -11.09 6.19
O3X NAP C . 11.10 -9.23 7.90
C1 GOL D . -11.60 -8.08 -5.76
O1 GOL D . -11.46 -9.51 -5.64
C2 GOL D . -12.89 -7.76 -6.51
O2 GOL D . -13.56 -6.65 -5.89
C3 GOL D . -12.61 -7.44 -7.98
O3 GOL D . -12.29 -8.64 -8.71
CL CL E . -10.59 -31.25 -11.12
N2A 9L9 F . 1.68 -15.84 -8.01
N1 9L9 F . 2.36 -17.39 -6.41
C2 9L9 F . 1.39 -16.65 -6.98
N3 9L9 F . 0.13 -16.73 -6.53
C4 9L9 F . -0.19 -17.53 -5.51
O4A 9L9 F . -1.48 -17.58 -5.09
N5A 9L9 F . 0.47 -19.10 -3.86
C5 9L9 F . 0.81 -18.32 -4.89
C6 9L9 F . 2.10 -18.21 -5.37
N7 9L9 F . 3.08 -18.92 -4.81
O8A 9L9 F . -0.41 -20.77 -5.10
N9 9L9 F . -0.43 -20.91 -2.84
C1B 9L9 F . -1.19 -22.00 -2.64
C2B 9L9 F . -2.19 -22.37 -3.53
C3B 9L9 F . -3.02 -23.46 -3.26
C4B 9L9 F . -2.87 -24.18 -2.06
C5B 9L9 F . -1.90 -23.76 -1.15
C6B 9L9 F . -1.08 -22.67 -1.43
C7B 9L9 F . -3.82 -25.35 -1.75
O7B 9L9 F . -4.94 -25.38 -2.27
CAW 9L9 F . -0.16 -20.28 -4.00
N 9L9 F . -3.41 -26.20 -0.81
CA 9L9 F . -4.25 -27.32 -0.34
C 9L9 F . -5.13 -26.81 0.83
OXT 9L9 F . -6.23 -27.35 0.99
CB 9L9 F . -3.36 -28.45 0.19
CG 9L9 F . -3.01 -29.43 -0.92
CD 9L9 F . -1.49 -29.54 -1.11
OE1 9L9 F . -1.05 -30.64 -1.52
OE2 9L9 F . -0.81 -28.51 -0.87
O 9L9 F . -4.67 -25.88 1.56
PA NAP G . -8.93 12.95 5.94
O1A NAP G . -8.58 12.69 4.50
O2A NAP G . -10.37 12.85 6.41
O5B NAP G . -8.05 11.98 6.89
C5B NAP G . -8.24 12.02 8.31
C4B NAP G . -7.98 10.66 8.93
O4B NAP G . -8.15 10.79 10.35
C3B NAP G . -8.96 9.59 8.45
O3B NAP G . -8.25 8.37 8.20
C2B NAP G . -9.91 9.43 9.62
O2B NAP G . -10.48 8.13 9.74
C1B NAP G . -9.01 9.75 10.81
N9A NAP G . -9.76 10.10 12.04
C8A NAP G . -10.71 11.19 11.95
N7A NAP G . -11.17 11.15 13.33
C5A NAP G . -10.57 10.17 14.03
C6A NAP G . -10.68 9.75 15.35
N6A NAP G . -11.55 10.37 16.19
N1A NAP G . -9.92 8.72 15.78
C2A NAP G . -9.06 8.10 14.97
N3A NAP G . -8.92 8.48 13.69
C4A NAP G . -9.66 9.50 13.21
O3 NAP G . -8.32 14.39 6.32
PN NAP G . -9.20 15.54 7.04
O1N NAP G . -9.49 14.96 8.40
O2N NAP G . -8.28 16.73 7.07
O5D NAP G . -10.42 15.70 6.15
P2B NAP G . -11.41 7.46 8.61
O1X NAP G . -10.42 7.05 7.53
O2X NAP G . -12.38 8.52 8.17
O3X NAP G . -12.06 6.30 9.34
C1 GOL H . -18.56 14.37 -14.78
O1 GOL H . -17.59 14.89 -13.86
C2 GOL H . -19.79 13.88 -14.04
O2 GOL H . -20.87 14.79 -14.31
C3 GOL H . -20.14 12.48 -14.52
O3 GOL H . -21.39 12.06 -13.97
N2A 9L9 I . -1.27 17.37 -2.95
N1 9L9 I . -2.21 18.35 -1.05
C2 9L9 I . -1.15 17.81 -1.70
N3 9L9 I . 0.05 17.73 -1.09
C4 9L9 I . 0.20 18.17 0.18
O4A 9L9 I . 1.42 18.08 0.77
N5A 9L9 I . -0.69 19.15 2.11
C5 9L9 I . -0.89 18.74 0.86
C6 9L9 I . -2.12 18.81 0.21
N7 9L9 I . -3.18 19.34 0.82
O8A 9L9 I . 0.35 21.11 1.60
N9 9L9 I . 0.06 20.49 3.76
C1B 9L9 I . 0.76 21.45 4.39
C2B 9L9 I . 0.44 21.76 5.71
C3B 9L9 I . 1.20 22.68 6.42
C4B 9L9 I . 2.30 23.30 5.83
C5B 9L9 I . 2.65 22.96 4.52
C6B 9L9 I . 1.89 22.02 3.82
C7B 9L9 I . 3.18 24.30 6.60
O7B 9L9 I . 4.31 24.56 6.21
CAW 9L9 I . -0.05 20.29 2.44
N 9L9 I . 2.70 24.75 7.77
CA 9L9 I . 3.49 25.63 8.66
C 9L9 I . 4.27 24.76 9.69
OXT 9L9 I . 5.36 25.20 10.10
CB 9L9 I . 2.59 26.62 9.41
CG 9L9 I . 2.32 27.84 8.53
CD 9L9 I . 1.62 28.97 9.29
OE1 9L9 I . 0.84 29.69 8.63
OE2 9L9 I . 1.90 29.11 10.51
O 9L9 I . 3.75 23.68 10.07
#